data_9GS4
#
_entry.id   9GS4
#
_cell.length_a   168.510
_cell.length_b   168.510
_cell.length_c   51.940
_cell.angle_alpha   90.00
_cell.angle_beta   90.00
_cell.angle_gamma   120.00
#
_symmetry.space_group_name_H-M   'P 31 2 1'
#
loop_
_entity.id
_entity.type
_entity.pdbx_description
1 polymer "2'-O-methyltransferase nsp16"
2 polymer 'Non-structural protein 10'
3 non-polymer 1,2-ETHANEDIOL
4 non-polymer '2-(N-MORPHOLINO)-ETHANESULFONIC ACID'
5 non-polymer 'SODIUM ION'
6 non-polymer ~{N}-[(5~{S})-5-azanyl-6-[(3~{S},4~{S},6~{R})-3-[1,3-dimethyl-2,6-bis(oxidanylidene)purin-7-yl]-4-methyl-4,6-bis(oxidanyl)azepan-1-yl]-6-oxidanylidene-hexyl]ethanamide
7 non-polymer S-ADENOSYLMETHIONINE
8 non-polymer 'ZINC ION'
9 non-polymer IMIDAZOLE
10 water water
#
loop_
_entity_poly.entity_id
_entity_poly.type
_entity_poly.pdbx_seq_one_letter_code
_entity_poly.pdbx_strand_id
1 'polypeptide(L)'
;SSQAWQPGVAMPNLYKMQRMLLEKCDLQNYGDSATLPKGIMMNVAKYTQLCQYLNTLTLAVPYNMRVIHFGAGSDKGVAP
GTAVLRQWLPTGTLLVDSDLNDFVSDADSTLIGDCATVHTANKWDLIISDMYDPKTKNVTKENDSKEGFFTYICGFIQQK
LALGGSVAIKITEHSWNADLYKLMGHFAWWTAFVTNVNASSSEAFLIGCNYLGKPREQIDGYVMHANYIFWRNTNPIQLS
SYSLFDMSKFPLKLRGTAVMSLKEGQINDMILSLLSKGRLIIRENNRVVISSDVLVNNENL
;
A
2 'polypeptide(L)'
;AFAVDAAKAYKDYLASGGQPITNCVKMLCTHTGTGQAITVTPEANMDQESFGGASCCLYCRCHIDHPNPKGFCDLKGKYV
QIPTTCANDPVGFTLKNTVCTVCGMWKGYGCSCDQ
;
B
#
# COMPACT_ATOMS: atom_id res chain seq x y z
N SER A 1 19.50 5.79 -20.28
CA SER A 1 18.67 4.62 -20.59
C SER A 1 18.59 3.72 -19.37
N SER A 2 19.36 4.13 -18.36
CA SER A 2 19.46 3.46 -17.07
C SER A 2 18.11 3.38 -16.35
N GLN A 3 17.07 4.06 -16.86
CA GLN A 3 15.81 4.12 -16.13
C GLN A 3 15.19 2.73 -15.96
N ALA A 4 15.48 1.80 -16.87
CA ALA A 4 14.84 0.50 -16.82
C ALA A 4 15.18 -0.29 -15.56
N TRP A 5 16.32 0.01 -14.91
CA TRP A 5 16.72 -0.68 -13.68
C TRP A 5 16.31 0.06 -12.43
N GLN A 6 15.71 1.23 -12.58
CA GLN A 6 15.11 1.93 -11.45
C GLN A 6 13.73 1.35 -11.17
N PRO A 7 13.15 1.64 -10.00
CA PRO A 7 11.76 1.22 -9.76
C PRO A 7 10.75 2.03 -10.57
N GLY A 8 11.14 3.21 -11.05
CA GLY A 8 10.25 4.05 -11.82
C GLY A 8 10.97 5.34 -12.17
N VAL A 9 10.19 6.33 -12.61
CA VAL A 9 10.74 7.61 -13.01
C VAL A 9 9.95 8.70 -12.31
N ALA A 10 10.66 9.65 -11.69
CA ALA A 10 10.08 10.81 -11.04
C ALA A 10 10.11 12.00 -11.99
N MET A 11 9.10 12.85 -11.89
CA MET A 11 8.98 14.02 -12.75
C MET A 11 10.18 14.95 -12.55
N PRO A 12 10.96 15.24 -13.60
CA PRO A 12 12.17 16.05 -13.40
C PRO A 12 11.82 17.48 -13.03
N ASN A 13 12.65 18.06 -12.16
CA ASN A 13 12.38 19.39 -11.62
C ASN A 13 12.06 20.41 -12.71
N LEU A 14 12.79 20.37 -13.83
CA LEU A 14 12.56 21.41 -14.83
C LEU A 14 11.13 21.37 -15.36
N TYR A 15 10.52 20.17 -15.45
CA TYR A 15 9.13 20.11 -15.89
C TYR A 15 8.20 20.74 -14.87
N LYS A 16 8.54 20.66 -13.59
CA LYS A 16 7.70 21.28 -12.56
C LYS A 16 7.66 22.80 -12.70
N MET A 17 8.69 23.39 -13.31
CA MET A 17 8.84 24.83 -13.39
C MET A 17 8.18 25.43 -14.62
N GLN A 18 7.50 24.63 -15.42
CA GLN A 18 6.93 25.12 -16.65
C GLN A 18 5.56 25.75 -16.39
N ARG A 19 4.96 26.27 -17.46
CA ARG A 19 3.62 26.83 -17.41
C ARG A 19 2.83 26.34 -18.63
N MET A 20 2.59 25.04 -18.71
CA MET A 20 1.92 24.47 -19.88
C MET A 20 0.41 24.56 -19.74
N LEU A 21 -0.25 24.43 -20.88
CA LEU A 21 -1.70 24.27 -20.93
C LEU A 21 -2.02 22.79 -20.94
N LEU A 22 -3.17 22.45 -20.40
CA LEU A 22 -3.55 21.05 -20.27
C LEU A 22 -3.88 20.47 -21.62
N GLU A 23 -3.24 19.36 -21.96
CA GLU A 23 -3.52 18.65 -23.19
C GLU A 23 -4.06 17.27 -22.86
N LYS A 24 -4.62 16.62 -23.88
CA LYS A 24 -4.92 15.20 -23.79
C LYS A 24 -3.63 14.39 -23.60
N CYS A 25 -3.69 13.33 -22.78
CA CYS A 25 -2.52 12.49 -22.57
C CYS A 25 -2.49 11.41 -23.64
N ASP A 26 -1.36 11.32 -24.35
CA ASP A 26 -1.16 10.38 -25.44
C ASP A 26 0.17 9.66 -25.19
N LEU A 27 0.09 8.44 -24.68
CA LEU A 27 1.29 7.67 -24.32
C LEU A 27 1.68 6.76 -25.47
N GLN A 28 2.95 6.86 -25.87
CA GLN A 28 3.49 6.06 -26.98
C GLN A 28 3.20 4.57 -26.79
N ASN A 29 3.39 4.05 -25.58
CA ASN A 29 3.25 2.62 -25.35
C ASN A 29 1.96 2.27 -24.62
N TYR A 30 0.94 3.12 -24.75
CA TYR A 30 -0.38 2.76 -24.27
C TYR A 30 -0.74 1.35 -24.73
N GLY A 31 -1.31 0.56 -23.81
CA GLY A 31 -1.76 -0.79 -24.12
C GLY A 31 -0.70 -1.86 -23.92
N ASP A 32 0.58 -1.52 -24.04
CA ASP A 32 1.64 -2.46 -23.71
C ASP A 32 1.60 -2.83 -22.23
N SER A 33 2.18 -3.98 -21.91
CA SER A 33 2.24 -4.48 -20.54
C SER A 33 3.63 -5.00 -20.26
N ALA A 34 4.16 -4.70 -19.07
CA ALA A 34 5.42 -5.29 -18.67
C ALA A 34 5.24 -6.76 -18.31
N THR A 35 6.34 -7.50 -18.40
CA THR A 35 6.34 -8.93 -18.10
C THR A 35 6.70 -9.11 -16.64
N LEU A 36 5.71 -9.45 -15.84
CA LEU A 36 5.82 -9.62 -14.41
C LEU A 36 6.45 -10.97 -14.07
N PRO A 37 7.19 -11.07 -12.96
CA PRO A 37 7.63 -12.39 -12.50
C PRO A 37 6.45 -13.35 -12.39
N LYS A 38 6.74 -14.64 -12.57
CA LYS A 38 5.70 -15.66 -12.59
C LYS A 38 4.81 -15.57 -11.36
N GLY A 39 3.50 -15.43 -11.61
CA GLY A 39 2.49 -15.45 -10.57
C GLY A 39 2.37 -14.20 -9.73
N ILE A 40 3.03 -13.10 -10.11
CA ILE A 40 2.99 -11.85 -9.37
C ILE A 40 1.93 -10.93 -9.99
N MET A 41 1.01 -10.42 -9.14
CA MET A 41 -0.04 -9.50 -9.57
C MET A 41 0.50 -8.09 -9.83
N MET A 42 -0.12 -7.39 -10.79
CA MET A 42 0.23 -6.00 -11.07
C MET A 42 0.28 -5.14 -9.80
N ASN A 43 -0.70 -5.30 -8.90
CA ASN A 43 -0.72 -4.39 -7.76
C ASN A 43 0.39 -4.69 -6.76
N VAL A 44 0.82 -5.95 -6.64
CA VAL A 44 1.99 -6.22 -5.81
C VAL A 44 3.24 -5.56 -6.40
N ALA A 45 3.42 -5.70 -7.72
CA ALA A 45 4.57 -5.11 -8.40
C ALA A 45 4.55 -3.60 -8.30
N LYS A 46 3.37 -3.00 -8.48
CA LYS A 46 3.23 -1.56 -8.44
C LYS A 46 3.63 -1.02 -7.08
N TYR A 47 3.03 -1.57 -6.00
CA TYR A 47 3.35 -1.08 -4.66
C TYR A 47 4.80 -1.36 -4.30
N THR A 48 5.35 -2.50 -4.74
CA THR A 48 6.76 -2.77 -4.47
C THR A 48 7.63 -1.67 -5.07
N GLN A 49 7.39 -1.29 -6.33
CA GLN A 49 8.20 -0.26 -6.95
C GLN A 49 7.99 1.09 -6.28
N LEU A 50 6.75 1.41 -5.88
CA LEU A 50 6.51 2.64 -5.13
C LEU A 50 7.32 2.66 -3.84
N CYS A 51 7.30 1.54 -3.08
CA CYS A 51 8.08 1.49 -1.85
C CYS A 51 9.58 1.56 -2.13
N GLN A 52 10.04 0.92 -3.21
CA GLN A 52 11.46 1.04 -3.58
C GLN A 52 11.84 2.49 -3.87
N TYR A 53 10.94 3.24 -4.51
CA TYR A 53 11.25 4.65 -4.73
C TYR A 53 11.23 5.42 -3.42
N LEU A 54 10.23 5.15 -2.57
CA LEU A 54 10.18 5.86 -1.29
C LEU A 54 11.44 5.61 -0.45
N ASN A 55 12.12 4.47 -0.66
CA ASN A 55 13.35 4.19 0.07
C ASN A 55 14.46 5.19 -0.24
N THR A 56 14.36 5.91 -1.36
CA THR A 56 15.36 6.88 -1.76
C THR A 56 15.09 8.26 -1.20
N LEU A 57 13.97 8.48 -0.53
CA LEU A 57 13.65 9.79 0.03
C LEU A 57 13.92 9.82 1.52
N THR A 58 13.80 11.01 2.10
CA THR A 58 14.10 11.23 3.51
C THR A 58 12.85 11.05 4.37
N LEU A 59 12.27 9.86 4.29
CA LEU A 59 11.11 9.55 5.11
C LEU A 59 11.47 9.52 6.59
N ALA A 60 10.62 10.14 7.41
CA ALA A 60 10.71 9.96 8.84
C ALA A 60 10.17 8.58 9.22
N VAL A 61 10.94 7.83 9.98
CA VAL A 61 10.55 6.47 10.39
C VAL A 61 10.66 6.34 11.92
N PRO A 62 9.70 6.85 12.67
CA PRO A 62 9.78 6.78 14.13
C PRO A 62 9.46 5.39 14.66
N TYR A 63 9.81 5.17 15.94
CA TYR A 63 9.28 4.01 16.65
C TYR A 63 7.76 4.15 16.73
N ASN A 64 7.07 3.02 16.63
CA ASN A 64 5.61 3.03 16.65
C ASN A 64 5.05 3.97 15.57
N MET A 65 5.58 3.78 14.37
CA MET A 65 5.11 4.52 13.21
C MET A 65 3.63 4.22 12.95
N ARG A 66 2.92 5.20 12.39
CA ARG A 66 1.50 5.10 12.08
C ARG A 66 1.26 5.39 10.61
N VAL A 67 0.70 4.42 9.90
CA VAL A 67 0.46 4.50 8.46
C VAL A 67 -1.00 4.17 8.20
N ILE A 68 -1.65 5.00 7.38
CA ILE A 68 -3.02 4.73 6.95
C ILE A 68 -3.05 4.64 5.42
N HIS A 69 -3.82 3.67 4.90
CA HIS A 69 -3.84 3.30 3.49
C HIS A 69 -5.28 3.33 2.97
N PHE A 70 -5.63 4.34 2.16
CA PHE A 70 -6.96 4.44 1.58
C PHE A 70 -7.02 3.80 0.21
N GLY A 71 -8.20 3.32 -0.15
CA GLY A 71 -8.38 2.61 -1.42
C GLY A 71 -7.67 1.28 -1.47
N ALA A 72 -7.68 0.53 -0.36
CA ALA A 72 -6.86 -0.66 -0.18
C ALA A 72 -7.49 -1.96 -0.68
N GLY A 73 -8.77 -1.97 -1.03
CA GLY A 73 -9.40 -3.20 -1.51
C GLY A 73 -9.28 -3.34 -3.02
N SER A 74 -9.21 -4.57 -3.49
CA SER A 74 -9.26 -4.88 -4.91
C SER A 74 -10.62 -5.49 -5.26
N ASP A 75 -10.85 -5.65 -6.56
CA ASP A 75 -12.04 -6.39 -6.99
C ASP A 75 -11.91 -7.89 -6.71
N LYS A 76 -10.75 -8.34 -6.24
CA LYS A 76 -10.57 -9.72 -5.81
C LYS A 76 -10.93 -9.93 -4.35
N GLY A 77 -11.27 -8.86 -3.62
CA GLY A 77 -11.62 -8.96 -2.22
C GLY A 77 -10.46 -9.09 -1.26
N VAL A 78 -9.23 -8.89 -1.72
CA VAL A 78 -8.07 -8.95 -0.84
C VAL A 78 -7.35 -7.60 -0.94
N ALA A 79 -6.19 -7.47 -0.32
CA ALA A 79 -5.52 -6.17 -0.21
C ALA A 79 -4.03 -6.32 -0.56
N PRO A 80 -3.70 -6.47 -1.84
CA PRO A 80 -2.29 -6.65 -2.22
C PRO A 80 -1.39 -5.51 -1.77
N GLY A 81 -1.81 -4.26 -2.01
CA GLY A 81 -1.01 -3.13 -1.60
C GLY A 81 -0.74 -3.10 -0.10
N THR A 82 -1.75 -3.42 0.71
CA THR A 82 -1.51 -3.43 2.15
C THR A 82 -0.44 -4.45 2.52
N ALA A 83 -0.46 -5.62 1.86
CA ALA A 83 0.52 -6.65 2.18
C ALA A 83 1.94 -6.20 1.84
N VAL A 84 2.11 -5.47 0.72
CA VAL A 84 3.43 -4.92 0.39
C VAL A 84 3.83 -3.85 1.40
N LEU A 85 2.90 -2.96 1.76
CA LEU A 85 3.22 -1.93 2.74
C LEU A 85 3.68 -2.54 4.06
N ARG A 86 3.01 -3.60 4.50
CA ARG A 86 3.39 -4.22 5.77
C ARG A 86 4.74 -4.93 5.67
N GLN A 87 5.01 -5.59 4.53
CA GLN A 87 6.35 -6.14 4.30
C GLN A 87 7.40 -5.05 4.37
N TRP A 88 7.12 -3.91 3.75
CA TRP A 88 8.07 -2.81 3.67
C TRP A 88 8.30 -2.16 5.03
N LEU A 89 7.22 -1.83 5.73
CA LEU A 89 7.31 -1.07 6.97
C LEU A 89 7.96 -1.91 8.07
N PRO A 90 8.65 -1.27 9.01
CA PRO A 90 9.21 -2.01 10.16
C PRO A 90 8.14 -2.87 10.84
N THR A 91 8.59 -4.00 11.37
CA THR A 91 7.68 -4.85 12.11
C THR A 91 7.13 -4.11 13.32
N GLY A 92 5.83 -4.26 13.55
CA GLY A 92 5.16 -3.53 14.60
C GLY A 92 4.54 -2.22 14.15
N THR A 93 4.82 -1.76 12.93
CA THR A 93 4.22 -0.51 12.47
C THR A 93 2.69 -0.61 12.47
N LEU A 94 2.03 0.37 13.06
CA LEU A 94 0.57 0.41 13.05
C LEU A 94 0.07 0.73 11.64
N LEU A 95 -0.65 -0.21 11.04
CA LEU A 95 -1.17 -0.05 9.68
C LEU A 95 -2.69 -0.15 9.71
N VAL A 96 -3.36 0.90 9.22
CA VAL A 96 -4.81 0.94 9.06
C VAL A 96 -5.11 1.06 7.57
N ASP A 97 -6.08 0.29 7.07
CA ASP A 97 -6.50 0.52 5.69
C ASP A 97 -8.01 0.62 5.59
N SER A 98 -8.47 1.06 4.42
CA SER A 98 -9.87 1.38 4.19
C SER A 98 -10.21 1.24 2.71
N ASP A 99 -11.48 0.92 2.46
CA ASP A 99 -12.04 0.98 1.11
C ASP A 99 -13.56 1.00 1.19
N LEU A 100 -14.18 1.39 0.07
CA LEU A 100 -15.63 1.45 -0.05
C LEU A 100 -16.27 0.09 0.15
N ASN A 101 -15.66 -0.97 -0.38
CA ASN A 101 -16.24 -2.30 -0.35
C ASN A 101 -15.43 -3.24 0.52
N ASP A 102 -16.09 -4.32 0.95
CA ASP A 102 -15.48 -5.26 1.88
C ASP A 102 -14.29 -5.96 1.24
N PHE A 103 -13.27 -6.24 2.05
CA PHE A 103 -12.11 -6.99 1.60
C PHE A 103 -11.41 -7.53 2.83
N VAL A 104 -10.62 -8.58 2.66
CA VAL A 104 -9.82 -9.14 3.77
C VAL A 104 -8.39 -8.62 3.66
N SER A 105 -7.83 -8.25 4.81
CA SER A 105 -6.63 -7.44 4.85
C SER A 105 -5.70 -7.93 5.96
N ASP A 106 -4.41 -7.69 5.76
CA ASP A 106 -3.37 -7.89 6.76
C ASP A 106 -3.14 -6.66 7.63
N ALA A 107 -3.82 -5.55 7.35
CA ALA A 107 -3.72 -4.37 8.20
C ALA A 107 -4.16 -4.68 9.63
N ASP A 108 -3.63 -3.90 10.57
CA ASP A 108 -4.03 -4.06 11.97
C ASP A 108 -5.49 -3.71 12.17
N SER A 109 -6.02 -2.81 11.35
CA SER A 109 -7.43 -2.50 11.41
C SER A 109 -7.89 -2.03 10.03
N THR A 110 -9.09 -2.45 9.66
CA THR A 110 -9.70 -2.14 8.37
C THR A 110 -11.05 -1.46 8.58
N LEU A 111 -11.29 -0.36 7.88
CA LEU A 111 -12.56 0.36 7.94
C LEU A 111 -13.20 0.29 6.57
N ILE A 112 -14.47 -0.13 6.52
CA ILE A 112 -15.19 -0.30 5.27
C ILE A 112 -16.19 0.84 5.13
N GLY A 113 -16.20 1.49 3.97
CA GLY A 113 -17.14 2.56 3.70
C GLY A 113 -16.49 3.69 2.94
N ASP A 114 -17.26 4.72 2.57
CA ASP A 114 -16.68 5.87 1.89
C ASP A 114 -15.65 6.53 2.80
N CYS A 115 -14.53 6.99 2.22
CA CYS A 115 -13.46 7.54 3.05
C CYS A 115 -13.95 8.69 3.90
N ALA A 116 -14.99 9.39 3.46
CA ALA A 116 -15.53 10.52 4.20
C ALA A 116 -16.06 10.10 5.57
N THR A 117 -16.46 8.82 5.74
CA THR A 117 -16.93 8.33 7.02
C THR A 117 -15.81 7.94 7.98
N VAL A 118 -14.54 8.01 7.55
CA VAL A 118 -13.41 7.60 8.38
C VAL A 118 -12.99 8.79 9.22
N HIS A 119 -12.90 8.58 10.54
CA HIS A 119 -12.45 9.58 11.49
C HIS A 119 -11.35 9.00 12.36
N THR A 120 -10.38 9.83 12.69
CA THR A 120 -9.32 9.38 13.58
C THR A 120 -8.96 10.50 14.54
N ALA A 121 -8.67 10.11 15.77
CA ALA A 121 -8.29 11.09 16.78
C ALA A 121 -6.86 11.57 16.56
N ASN A 122 -5.99 10.66 16.15
CA ASN A 122 -4.55 10.88 16.15
C ASN A 122 -4.03 11.29 14.76
N LYS A 123 -2.74 11.62 14.74
CA LYS A 123 -2.06 12.03 13.53
C LYS A 123 -1.24 10.88 12.98
N TRP A 124 -0.86 10.98 11.71
CA TRP A 124 -0.23 9.87 11.00
C TRP A 124 1.13 10.30 10.46
N ASP A 125 2.03 9.33 10.33
CA ASP A 125 3.36 9.58 9.80
C ASP A 125 3.45 9.37 8.29
N LEU A 126 2.55 8.58 7.71
CA LEU A 126 2.55 8.28 6.29
C LEU A 126 1.13 7.98 5.84
N ILE A 127 0.68 8.64 4.77
CA ILE A 127 -0.64 8.42 4.19
C ILE A 127 -0.44 7.91 2.77
N ILE A 128 -1.01 6.74 2.47
CA ILE A 128 -0.99 6.13 1.14
C ILE A 128 -2.43 6.10 0.64
N SER A 129 -2.66 6.52 -0.60
CA SER A 129 -3.99 6.41 -1.20
C SER A 129 -3.87 5.83 -2.60
N ASP A 130 -4.62 4.75 -2.84
CA ASP A 130 -4.84 4.26 -4.19
C ASP A 130 -6.29 4.43 -4.62
N MET A 131 -7.03 5.34 -3.97
CA MET A 131 -8.42 5.56 -4.37
C MET A 131 -8.49 6.05 -5.80
N TYR A 132 -9.46 5.51 -6.53
CA TYR A 132 -9.60 5.73 -7.97
C TYR A 132 -10.98 5.29 -8.43
N ASP A 133 -11.65 6.13 -9.20
CA ASP A 133 -12.92 5.77 -9.84
C ASP A 133 -12.72 5.66 -11.35
N PRO A 134 -12.72 4.46 -11.92
CA PRO A 134 -12.43 4.34 -13.36
C PRO A 134 -13.42 5.05 -14.26
N LYS A 135 -14.58 5.44 -13.73
CA LYS A 135 -15.53 6.25 -14.50
C LYS A 135 -14.93 7.57 -14.96
N THR A 136 -13.86 8.05 -14.31
CA THR A 136 -13.27 9.33 -14.69
C THR A 136 -12.58 9.27 -16.06
N LYS A 137 -12.30 8.08 -16.59
CA LYS A 137 -11.60 7.94 -17.86
C LYS A 137 -12.48 8.30 -19.06
N ASN A 138 -13.52 9.12 -18.83
CA ASN A 138 -14.43 9.59 -19.87
C ASN A 138 -13.73 10.64 -20.74
N VAL A 139 -13.26 10.20 -21.93
CA VAL A 139 -12.49 11.05 -22.83
C VAL A 139 -13.33 12.11 -23.55
N THR A 140 -14.66 11.99 -23.55
CA THR A 140 -15.52 12.88 -24.32
C THR A 140 -15.90 14.16 -23.60
N LYS A 141 -15.62 14.27 -22.30
CA LYS A 141 -15.92 15.48 -21.53
C LYS A 141 -14.60 16.17 -21.12
N GLU A 142 -14.71 17.45 -20.81
CA GLU A 142 -13.55 18.23 -20.40
C GLU A 142 -12.91 17.64 -19.14
N ASN A 143 -11.62 17.91 -18.98
CA ASN A 143 -10.84 17.32 -17.88
C ASN A 143 -10.59 18.40 -16.83
N ASP A 144 -11.52 18.54 -15.89
CA ASP A 144 -11.37 19.51 -14.82
C ASP A 144 -10.91 18.86 -13.52
N SER A 145 -10.46 19.72 -12.60
CA SER A 145 -10.06 19.24 -11.27
C SER A 145 -11.24 18.52 -10.62
N LYS A 146 -10.95 17.39 -9.98
CA LYS A 146 -12.00 16.54 -9.40
C LYS A 146 -12.07 16.76 -7.90
N GLU A 147 -13.28 16.55 -7.36
CA GLU A 147 -13.52 16.68 -5.93
C GLU A 147 -13.64 15.31 -5.28
N GLY A 148 -14.83 14.95 -4.82
CA GLY A 148 -15.03 13.61 -4.29
C GLY A 148 -14.00 13.29 -3.24
N PHE A 149 -13.36 12.12 -3.37
CA PHE A 149 -12.41 11.72 -2.33
C PHE A 149 -11.18 12.62 -2.27
N PHE A 150 -10.83 13.34 -3.35
CA PHE A 150 -9.69 14.27 -3.24
C PHE A 150 -9.96 15.38 -2.23
N THR A 151 -11.23 15.80 -2.09
CA THR A 151 -11.53 16.81 -1.07
C THR A 151 -11.25 16.26 0.32
N TYR A 152 -11.72 15.05 0.60
CA TYR A 152 -11.41 14.40 1.87
C TYR A 152 -9.91 14.35 2.10
N ILE A 153 -9.15 13.90 1.09
CA ILE A 153 -7.72 13.65 1.27
C ILE A 153 -6.97 14.93 1.61
N CYS A 154 -7.34 16.05 0.96
CA CYS A 154 -6.67 17.30 1.28
C CYS A 154 -6.96 17.72 2.71
N GLY A 155 -8.21 17.58 3.16
CA GLY A 155 -8.52 17.89 4.54
C GLY A 155 -7.81 16.96 5.50
N PHE A 156 -7.80 15.66 5.18
CA PHE A 156 -7.14 14.70 6.05
C PHE A 156 -5.67 15.03 6.23
N ILE A 157 -5.01 15.45 5.15
CA ILE A 157 -3.59 15.81 5.22
C ILE A 157 -3.39 17.02 6.11
N GLN A 158 -4.19 18.06 5.91
CA GLN A 158 -3.99 19.27 6.71
C GLN A 158 -4.34 19.04 8.17
N GLN A 159 -5.30 18.18 8.45
CA GLN A 159 -5.74 17.97 9.83
C GLN A 159 -5.03 16.81 10.54
N LYS A 160 -4.65 15.75 9.82
CA LYS A 160 -4.22 14.52 10.49
C LYS A 160 -2.82 14.02 10.08
N LEU A 161 -2.07 14.76 9.26
CA LEU A 161 -0.70 14.37 8.97
C LEU A 161 0.27 15.05 9.93
N ALA A 162 1.11 14.26 10.57
CA ALA A 162 2.11 14.83 11.46
C ALA A 162 3.11 15.66 10.68
N LEU A 163 3.56 16.76 11.29
CA LEU A 163 4.70 17.46 10.72
C LEU A 163 5.86 16.50 10.56
N GLY A 164 6.53 16.57 9.41
CA GLY A 164 7.55 15.61 9.07
C GLY A 164 7.06 14.38 8.33
N GLY A 165 5.74 14.12 8.35
CA GLY A 165 5.21 12.94 7.67
C GLY A 165 5.16 13.10 6.16
N SER A 166 4.80 12.01 5.47
CA SER A 166 4.84 11.99 4.02
C SER A 166 3.57 11.37 3.48
N VAL A 167 3.32 11.60 2.17
CA VAL A 167 2.14 11.05 1.49
C VAL A 167 2.52 10.56 0.09
N ALA A 168 1.72 9.60 -0.40
CA ALA A 168 1.74 9.17 -1.79
C ALA A 168 0.29 8.91 -2.21
N ILE A 169 -0.22 9.74 -3.12
CA ILE A 169 -1.63 9.75 -3.50
C ILE A 169 -1.71 9.43 -4.98
N LYS A 170 -2.42 8.36 -5.34
CA LYS A 170 -2.51 7.98 -6.75
C LYS A 170 -3.36 8.99 -7.52
N ILE A 171 -2.85 9.39 -8.70
CA ILE A 171 -3.57 10.24 -9.64
C ILE A 171 -3.47 9.59 -11.01
N THR A 172 -4.25 10.11 -11.96
CA THR A 172 -4.18 9.73 -13.39
C THR A 172 -4.40 11.01 -14.21
N GLU A 173 -4.47 10.85 -15.54
CA GLU A 173 -4.79 12.00 -16.38
C GLU A 173 -6.08 12.68 -15.93
N HIS A 174 -7.13 11.90 -15.69
CA HIS A 174 -8.43 12.44 -15.32
C HIS A 174 -8.72 12.42 -13.82
N SER A 175 -8.07 11.56 -13.05
CA SER A 175 -8.28 11.51 -11.61
C SER A 175 -7.20 12.34 -10.94
N TRP A 176 -7.51 13.63 -10.70
CA TRP A 176 -6.56 14.57 -10.12
C TRP A 176 -7.33 15.71 -9.49
N ASN A 177 -6.61 16.51 -8.69
CA ASN A 177 -7.21 17.60 -7.94
C ASN A 177 -6.21 18.73 -7.80
N ALA A 178 -6.66 19.96 -8.08
CA ALA A 178 -5.72 21.08 -8.08
C ALA A 178 -5.23 21.41 -6.68
N ASP A 179 -6.11 21.33 -5.66
CA ASP A 179 -5.68 21.65 -4.30
C ASP A 179 -4.63 20.68 -3.81
N LEU A 180 -4.73 19.41 -4.21
CA LEU A 180 -3.73 18.43 -3.79
C LEU A 180 -2.35 18.80 -4.32
N TYR A 181 -2.27 19.24 -5.59
CA TYR A 181 -1.00 19.76 -6.11
C TYR A 181 -0.55 20.99 -5.32
N LYS A 182 -1.47 21.93 -5.09
CA LYS A 182 -1.12 23.08 -4.25
C LYS A 182 -0.56 22.64 -2.92
N LEU A 183 -1.15 21.60 -2.33
CA LEU A 183 -0.71 21.13 -1.01
C LEU A 183 0.68 20.51 -1.07
N MET A 184 1.08 19.99 -2.23
CA MET A 184 2.45 19.51 -2.39
C MET A 184 3.47 20.59 -2.04
N GLY A 185 3.16 21.86 -2.29
CA GLY A 185 4.05 22.93 -1.86
C GLY A 185 4.17 23.15 -0.36
N HIS A 186 3.40 22.41 0.46
CA HIS A 186 3.51 22.47 1.92
C HIS A 186 4.44 21.39 2.46
N PHE A 187 5.15 20.68 1.58
CA PHE A 187 6.16 19.72 1.99
C PHE A 187 7.54 20.26 1.62
N ALA A 188 8.56 19.73 2.29
CA ALA A 188 9.93 20.11 1.97
C ALA A 188 10.29 19.77 0.53
N TRP A 189 9.67 18.73 -0.04
CA TRP A 189 9.93 18.30 -1.40
C TRP A 189 8.73 17.48 -1.90
N TRP A 190 8.56 17.43 -3.22
CA TRP A 190 7.44 16.70 -3.80
C TRP A 190 7.82 16.23 -5.20
N THR A 191 7.10 15.22 -5.69
CA THR A 191 7.25 14.79 -7.07
C THR A 191 6.01 14.01 -7.48
N ALA A 192 5.93 13.70 -8.77
CA ALA A 192 4.99 12.72 -9.29
C ALA A 192 5.81 11.55 -9.80
N PHE A 193 5.57 10.37 -9.24
CA PHE A 193 6.39 9.18 -9.51
C PHE A 193 5.59 8.17 -10.31
N VAL A 194 6.17 7.68 -11.40
CA VAL A 194 5.55 6.68 -12.27
C VAL A 194 6.29 5.36 -12.07
N THR A 195 5.55 4.28 -11.74
CA THR A 195 6.21 2.99 -11.60
C THR A 195 6.57 2.44 -12.97
N ASN A 196 7.73 1.77 -13.05
CA ASN A 196 8.14 1.21 -14.33
C ASN A 196 7.21 0.08 -14.79
N VAL A 197 6.58 -0.66 -13.88
CA VAL A 197 5.68 -1.70 -14.35
C VAL A 197 4.39 -1.15 -14.92
N ASN A 198 4.03 0.11 -14.62
CA ASN A 198 2.77 0.66 -15.10
C ASN A 198 2.99 1.89 -15.96
N ALA A 199 4.16 2.00 -16.58
CA ALA A 199 4.56 3.19 -17.33
C ALA A 199 3.71 3.44 -18.56
N SER A 200 2.95 2.46 -19.02
CA SER A 200 2.05 2.66 -20.16
C SER A 200 0.75 3.34 -19.74
N SER A 201 0.62 3.70 -18.46
CA SER A 201 -0.57 4.34 -17.95
C SER A 201 -0.25 5.77 -17.53
N SER A 202 -1.25 6.65 -17.66
CA SER A 202 -1.13 8.01 -17.15
C SER A 202 -1.11 8.09 -15.61
N GLU A 203 -1.23 6.95 -14.93
CA GLU A 203 -1.15 6.94 -13.46
C GLU A 203 0.20 7.49 -12.99
N ALA A 204 0.15 8.18 -11.85
CA ALA A 204 1.36 8.51 -11.10
C ALA A 204 0.97 8.56 -9.62
N PHE A 205 1.98 8.54 -8.76
CA PHE A 205 1.81 8.79 -7.34
C PHE A 205 2.36 10.16 -7.01
N LEU A 206 1.49 11.05 -6.53
CA LEU A 206 1.91 12.36 -6.06
C LEU A 206 2.48 12.18 -4.66
N ILE A 207 3.78 12.44 -4.50
CA ILE A 207 4.51 12.20 -3.25
C ILE A 207 4.88 13.54 -2.63
N GLY A 208 4.42 13.77 -1.40
CA GLY A 208 4.86 14.89 -0.61
C GLY A 208 5.79 14.37 0.47
N CYS A 209 7.01 14.88 0.52
CA CYS A 209 8.05 14.36 1.39
C CYS A 209 8.36 15.37 2.50
N ASN A 210 8.07 14.96 3.75
CA ASN A 210 8.30 15.75 4.97
C ASN A 210 7.38 16.98 5.07
N TYR A 211 6.24 16.80 5.74
CA TYR A 211 5.20 17.82 5.81
C TYR A 211 5.61 18.97 6.73
N LEU A 212 5.39 20.20 6.27
CA LEU A 212 5.77 21.40 7.01
C LEU A 212 4.57 22.18 7.54
N GLY A 213 3.35 21.83 7.14
CA GLY A 213 2.16 22.47 7.67
C GLY A 213 1.93 23.90 7.21
N LYS A 214 2.71 24.39 6.27
CA LYS A 214 2.55 25.74 5.75
C LYS A 214 3.15 25.78 4.35
N PRO A 215 2.73 26.72 3.51
CA PRO A 215 3.29 26.78 2.15
C PRO A 215 4.78 27.10 2.21
N ARG A 216 5.60 26.22 1.65
CA ARG A 216 6.98 26.54 1.39
C ARG A 216 7.15 27.18 0.02
N GLU A 217 6.28 26.83 -0.94
CA GLU A 217 6.23 27.43 -2.27
C GLU A 217 4.80 27.43 -2.77
N GLN A 218 4.47 28.41 -3.61
CA GLN A 218 3.12 28.54 -4.15
C GLN A 218 3.03 27.74 -5.43
N ILE A 219 2.07 26.84 -5.51
CA ILE A 219 1.89 25.97 -6.67
C ILE A 219 0.48 26.16 -7.18
N ASP A 220 0.34 26.50 -8.45
CA ASP A 220 -0.95 26.50 -9.11
C ASP A 220 -1.25 25.08 -9.58
N GLY A 221 -2.30 24.49 -9.02
CA GLY A 221 -2.55 23.08 -9.26
C GLY A 221 -3.03 22.76 -10.67
N TYR A 222 -3.77 23.68 -11.30
CA TYR A 222 -4.17 23.45 -12.69
C TYR A 222 -2.97 23.45 -13.61
N VAL A 223 -2.04 24.38 -13.40
CA VAL A 223 -0.83 24.44 -14.18
C VAL A 223 0.07 23.24 -13.91
N MET A 224 0.17 22.81 -12.65
CA MET A 224 1.07 21.71 -12.36
C MET A 224 0.58 20.42 -13.00
N HIS A 225 -0.73 20.17 -13.02
CA HIS A 225 -1.20 18.95 -13.67
C HIS A 225 -0.91 18.99 -15.17
N ALA A 226 -1.09 20.18 -15.77
CA ALA A 226 -0.73 20.35 -17.16
C ALA A 226 0.75 20.10 -17.37
N ASN A 227 1.59 20.56 -16.42
CA ASN A 227 3.01 20.27 -16.51
C ASN A 227 3.27 18.76 -16.45
N TYR A 228 2.54 18.06 -15.57
CA TYR A 228 2.72 16.62 -15.42
C TYR A 228 2.36 15.90 -16.71
N ILE A 229 1.21 16.25 -17.32
CA ILE A 229 0.81 15.60 -18.56
C ILE A 229 1.80 15.92 -19.68
N PHE A 230 2.29 17.15 -19.71
CA PHE A 230 3.29 17.51 -20.72
C PHE A 230 4.53 16.61 -20.61
N TRP A 231 5.05 16.45 -19.38
CA TRP A 231 6.16 15.54 -19.16
C TRP A 231 5.84 14.14 -19.65
N ARG A 232 4.70 13.58 -19.21
CA ARG A 232 4.31 12.24 -19.66
C ARG A 232 4.17 12.19 -21.18
N ASN A 233 3.62 13.23 -21.81
CA ASN A 233 3.38 13.22 -23.25
C ASN A 233 4.66 13.23 -24.06
N THR A 234 5.75 13.77 -23.51
CA THR A 234 6.98 13.97 -24.28
C THR A 234 8.12 13.08 -23.81
N ASN A 235 7.92 12.26 -22.79
CA ASN A 235 8.97 11.39 -22.26
C ASN A 235 8.43 9.97 -22.12
N PRO A 236 8.45 9.19 -23.20
CA PRO A 236 8.05 7.79 -23.09
C PRO A 236 8.90 7.11 -22.04
N ILE A 237 8.25 6.29 -21.21
CA ILE A 237 8.95 5.52 -20.20
C ILE A 237 8.85 4.05 -20.60
N GLN A 238 9.99 3.38 -20.70
CA GLN A 238 10.01 1.98 -21.12
C GLN A 238 9.49 1.08 -19.99
N LEU A 239 8.43 0.31 -20.28
CA LEU A 239 7.94 -0.64 -19.30
C LEU A 239 9.06 -1.52 -18.77
N SER A 240 9.07 -1.77 -17.47
CA SER A 240 10.15 -2.59 -16.93
C SER A 240 9.78 -3.15 -15.57
N SER A 241 10.13 -4.42 -15.37
CA SER A 241 9.98 -5.07 -14.07
C SER A 241 11.31 -5.44 -13.45
N TYR A 242 12.42 -4.91 -13.99
CA TYR A 242 13.75 -5.31 -13.53
C TYR A 242 13.90 -5.18 -12.02
N SER A 243 13.49 -4.04 -11.45
CA SER A 243 13.75 -3.80 -10.04
C SER A 243 13.01 -4.78 -9.13
N LEU A 244 12.01 -5.50 -9.65
CA LEU A 244 11.29 -6.46 -8.82
C LEU A 244 12.16 -7.66 -8.41
N PHE A 245 13.22 -7.95 -9.16
CA PHE A 245 14.03 -9.13 -8.90
C PHE A 245 15.13 -8.92 -7.86
N ASP A 246 15.32 -7.71 -7.35
CA ASP A 246 16.33 -7.47 -6.31
C ASP A 246 15.66 -6.81 -5.12
N MET A 247 15.40 -7.61 -4.10
CA MET A 247 14.68 -7.18 -2.92
C MET A 247 15.55 -7.15 -1.67
N SER A 248 16.88 -7.30 -1.84
CA SER A 248 17.74 -7.42 -0.67
C SER A 248 17.76 -6.15 0.19
N LYS A 249 17.56 -4.99 -0.43
CA LYS A 249 17.51 -3.72 0.31
C LYS A 249 16.10 -3.16 0.41
N PHE A 250 15.07 -4.01 0.32
CA PHE A 250 13.70 -3.52 0.27
C PHE A 250 13.21 -2.93 1.59
N PRO A 251 13.49 -3.56 2.74
CA PRO A 251 12.87 -3.11 4.00
C PRO A 251 13.16 -1.63 4.29
N LEU A 252 12.11 -0.91 4.71
CA LEU A 252 12.30 0.47 5.15
C LEU A 252 13.16 0.48 6.40
N LYS A 253 14.27 1.20 6.37
CA LYS A 253 15.19 1.19 7.50
C LYS A 253 14.58 1.93 8.70
N LEU A 254 14.62 1.29 9.87
CA LEU A 254 14.04 1.88 11.07
C LEU A 254 15.02 2.93 11.57
N ARG A 255 14.74 4.20 11.25
CA ARG A 255 15.63 5.30 11.63
C ARG A 255 15.41 5.77 13.07
N GLY A 256 14.40 5.23 13.76
CA GLY A 256 14.11 5.68 15.11
C GLY A 256 13.86 7.17 15.22
N THR A 257 13.39 7.81 14.14
CA THR A 257 13.15 9.24 14.11
C THR A 257 12.46 9.71 15.39
N ALA A 258 12.88 10.87 15.88
CA ALA A 258 12.35 11.41 17.12
C ALA A 258 10.95 11.96 16.92
N VAL A 259 10.08 11.70 17.89
CA VAL A 259 8.74 12.25 17.95
C VAL A 259 8.70 13.25 19.08
N MET A 260 8.18 14.45 18.81
CA MET A 260 8.00 15.48 19.81
C MET A 260 6.62 16.09 19.70
N SER A 261 6.04 16.38 20.85
CA SER A 261 4.80 17.13 20.92
C SER A 261 5.16 18.60 21.03
N LEU A 262 4.72 19.41 20.07
CA LEU A 262 5.05 20.82 20.07
C LEU A 262 3.81 21.63 19.68
N LYS A 263 3.80 22.88 20.12
CA LYS A 263 2.71 23.80 19.86
C LYS A 263 3.10 24.77 18.74
N GLU A 264 2.07 25.38 18.14
CA GLU A 264 2.28 26.28 17.01
C GLU A 264 3.44 27.24 17.22
N GLY A 265 3.50 27.89 18.39
CA GLY A 265 4.50 28.92 18.59
C GLY A 265 5.93 28.44 18.55
N GLN A 266 6.17 27.16 18.86
CA GLN A 266 7.53 26.68 19.05
C GLN A 266 8.17 26.10 17.80
N ILE A 267 7.51 26.21 16.64
CA ILE A 267 8.06 25.65 15.40
C ILE A 267 8.87 26.76 14.74
N ASN A 268 10.14 26.83 15.11
CA ASN A 268 11.08 27.83 14.63
C ASN A 268 11.75 27.34 13.35
N ASP A 269 12.84 27.98 12.95
CA ASP A 269 13.56 27.56 11.75
C ASP A 269 14.43 26.34 12.00
N MET A 270 14.94 26.17 13.22
CA MET A 270 15.72 24.98 13.53
C MET A 270 14.83 23.73 13.43
N ILE A 271 13.63 23.80 14.01
CA ILE A 271 12.68 22.70 13.90
C ILE A 271 12.33 22.45 12.44
N LEU A 272 11.86 23.48 11.74
CA LEU A 272 11.55 23.37 10.32
C LEU A 272 12.69 22.71 9.55
N SER A 273 13.94 23.06 9.88
CA SER A 273 15.07 22.44 9.22
C SER A 273 15.13 20.94 9.50
N LEU A 274 14.93 20.56 10.77
CA LEU A 274 14.91 19.15 11.13
C LEU A 274 13.77 18.41 10.42
N LEU A 275 12.58 19.03 10.38
CA LEU A 275 11.47 18.42 9.65
C LEU A 275 11.84 18.18 8.19
N SER A 276 12.43 19.19 7.56
CA SER A 276 12.76 19.12 6.15
C SER A 276 13.73 18.00 5.82
N LYS A 277 14.50 17.52 6.80
CA LYS A 277 15.51 16.51 6.57
C LYS A 277 15.08 15.12 6.98
N GLY A 278 13.81 14.92 7.34
CA GLY A 278 13.40 13.60 7.75
C GLY A 278 13.94 13.19 9.11
N ARG A 279 14.29 14.16 9.94
CA ARG A 279 14.89 13.85 11.23
C ARG A 279 13.94 14.11 12.40
N LEU A 280 12.68 14.46 12.14
CA LEU A 280 11.79 14.81 13.23
C LEU A 280 10.33 14.61 12.84
N ILE A 281 9.53 14.11 13.77
CA ILE A 281 8.08 14.02 13.64
C ILE A 281 7.42 14.79 14.79
N ILE A 282 6.40 15.57 14.49
CA ILE A 282 5.70 16.36 15.51
C ILE A 282 4.25 15.96 15.50
N ARG A 283 3.79 15.38 16.62
CA ARG A 283 2.44 14.91 16.85
C ARG A 283 2.39 14.37 18.27
N GLU A 284 1.17 14.23 18.80
CA GLU A 284 1.04 13.47 20.04
C GLU A 284 1.44 12.03 19.82
N ASN A 285 1.80 11.35 20.90
CA ASN A 285 2.18 9.95 20.86
C ASN A 285 1.20 9.07 21.64
N ASN A 286 -0.07 9.48 21.70
CA ASN A 286 -1.09 8.73 22.40
C ASN A 286 -1.41 7.45 21.63
N ARG A 287 -2.46 6.76 22.06
CA ARG A 287 -2.86 5.53 21.39
C ARG A 287 -3.76 5.88 20.21
N VAL A 288 -3.80 4.96 19.26
CA VAL A 288 -4.45 5.20 17.98
C VAL A 288 -5.87 4.65 18.04
N VAL A 289 -6.83 5.55 17.82
CA VAL A 289 -8.25 5.22 17.86
C VAL A 289 -8.87 5.74 16.57
N ILE A 290 -9.66 4.89 15.91
CA ILE A 290 -10.26 5.21 14.63
C ILE A 290 -11.75 4.83 14.70
N SER A 291 -12.53 5.33 13.75
CA SER A 291 -13.92 4.93 13.68
C SER A 291 -14.48 5.31 12.33
N SER A 292 -15.57 4.64 11.94
CA SER A 292 -16.28 4.99 10.73
C SER A 292 -17.73 5.32 11.08
N ASP A 293 -18.24 6.41 10.54
CA ASP A 293 -19.62 6.80 10.77
C ASP A 293 -20.55 5.80 10.11
N VAL A 294 -21.61 5.43 10.82
CA VAL A 294 -22.65 4.55 10.29
C VAL A 294 -23.96 5.33 10.24
N LEU A 295 -24.55 5.40 9.05
CA LEU A 295 -25.85 5.99 8.86
C LEU A 295 -26.94 4.99 9.24
N VAL A 296 -27.85 5.41 10.11
CA VAL A 296 -28.89 4.55 10.66
C VAL A 296 -30.22 4.92 10.01
N ASN A 297 -30.98 3.92 9.59
CA ASN A 297 -32.35 4.18 9.17
C ASN A 297 -33.12 2.85 9.14
N ASN A 298 -34.44 2.99 9.25
CA ASN A 298 -35.39 1.88 9.34
C ASN A 298 -36.30 1.95 8.11
N GLU A 299 -36.17 0.98 7.22
CA GLU A 299 -36.87 0.98 5.94
C GLU A 299 -38.18 0.18 5.98
N ASN A 300 -38.70 -0.12 7.17
CA ASN A 300 -39.96 -0.84 7.27
C ASN A 300 -41.14 0.13 7.20
N LEU A 301 -42.25 -0.35 6.62
CA LEU A 301 -43.43 0.47 6.28
C LEU A 301 -43.08 1.88 5.84
N ALA B 1 -25.77 -27.44 19.06
CA ALA B 1 -24.63 -28.30 18.74
C ALA B 1 -24.18 -28.15 17.28
N PHE B 2 -24.88 -27.33 16.50
CA PHE B 2 -24.58 -27.18 15.07
C PHE B 2 -23.55 -26.08 14.83
N ALA B 3 -22.54 -26.41 14.02
CA ALA B 3 -21.48 -25.49 13.60
C ALA B 3 -21.09 -25.87 12.19
N VAL B 4 -20.98 -24.88 11.30
CA VAL B 4 -20.52 -25.17 9.95
C VAL B 4 -19.08 -25.66 10.00
N ASP B 5 -18.77 -26.68 9.22
CA ASP B 5 -17.40 -27.18 9.12
C ASP B 5 -16.85 -26.76 7.75
N ALA B 6 -16.32 -25.53 7.70
CA ALA B 6 -15.78 -25.01 6.45
C ALA B 6 -14.51 -25.77 6.04
N ALA B 7 -13.66 -26.08 7.03
CA ALA B 7 -12.46 -26.86 6.77
C ALA B 7 -12.79 -28.16 6.03
N LYS B 8 -13.78 -28.90 6.55
CA LYS B 8 -14.14 -30.15 5.89
C LYS B 8 -14.78 -29.88 4.54
N ALA B 9 -15.61 -28.84 4.45
CA ALA B 9 -16.25 -28.49 3.17
C ALA B 9 -15.20 -28.25 2.09
N TYR B 10 -14.19 -27.44 2.41
CA TYR B 10 -13.16 -27.15 1.41
C TYR B 10 -12.38 -28.42 1.05
N LYS B 11 -11.98 -29.19 2.07
CA LYS B 11 -11.31 -30.48 1.81
C LYS B 11 -12.12 -31.35 0.87
N ASP B 12 -13.45 -31.44 1.07
CA ASP B 12 -14.26 -32.29 0.21
C ASP B 12 -14.42 -31.70 -1.17
N TYR B 13 -14.56 -30.37 -1.25
CA TYR B 13 -14.63 -29.69 -2.54
C TYR B 13 -13.36 -29.94 -3.36
N LEU B 14 -12.19 -29.90 -2.71
CA LEU B 14 -10.94 -30.16 -3.42
C LEU B 14 -10.88 -31.61 -3.89
N ALA B 15 -11.26 -32.54 -3.01
CA ALA B 15 -11.27 -33.95 -3.37
C ALA B 15 -12.09 -34.20 -4.63
N SER B 16 -13.25 -33.56 -4.72
CA SER B 16 -14.16 -33.78 -5.85
C SER B 16 -13.73 -33.07 -7.13
N GLY B 17 -12.58 -32.40 -7.13
CA GLY B 17 -12.07 -31.76 -8.31
C GLY B 17 -12.37 -30.27 -8.46
N GLY B 18 -12.76 -29.59 -7.38
CA GLY B 18 -12.98 -28.15 -7.45
C GLY B 18 -11.68 -27.37 -7.51
N GLN B 19 -11.74 -26.20 -8.14
CA GLN B 19 -10.54 -25.38 -8.32
C GLN B 19 -10.17 -24.70 -7.01
N PRO B 20 -8.89 -24.75 -6.60
CA PRO B 20 -8.50 -24.11 -5.33
C PRO B 20 -8.80 -22.61 -5.32
N ILE B 21 -8.98 -22.08 -4.11
CA ILE B 21 -9.19 -20.64 -3.96
C ILE B 21 -8.03 -19.89 -4.60
N THR B 22 -8.35 -18.84 -5.36
CA THR B 22 -7.37 -18.07 -6.09
C THR B 22 -7.15 -16.71 -5.45
N ASN B 23 -6.28 -15.91 -6.07
CA ASN B 23 -5.98 -14.54 -5.67
C ASN B 23 -5.35 -14.44 -4.28
N CYS B 24 -4.68 -15.50 -3.84
CA CYS B 24 -3.78 -15.36 -2.71
C CYS B 24 -2.65 -14.40 -3.10
N VAL B 25 -2.24 -13.54 -2.16
CA VAL B 25 -1.33 -12.44 -2.48
C VAL B 25 0.10 -12.92 -2.34
N LYS B 26 0.75 -13.21 -3.48
CA LYS B 26 2.15 -13.63 -3.47
C LYS B 26 3.09 -12.42 -3.42
N MET B 27 4.08 -12.48 -2.53
CA MET B 27 5.00 -11.37 -2.31
C MET B 27 6.27 -11.52 -3.12
N LEU B 28 6.88 -10.38 -3.47
CA LEU B 28 8.25 -10.39 -3.95
C LEU B 28 9.19 -10.44 -2.76
N CYS B 29 10.22 -11.28 -2.85
CA CYS B 29 11.17 -11.44 -1.76
C CYS B 29 12.46 -12.02 -2.33
N THR B 30 13.48 -12.10 -1.47
CA THR B 30 14.77 -12.62 -1.94
C THR B 30 14.74 -14.12 -2.17
N HIS B 31 13.87 -14.86 -1.49
CA HIS B 31 13.92 -16.32 -1.48
C HIS B 31 15.24 -16.84 -0.89
N THR B 32 15.84 -16.06 0.02
CA THR B 32 16.97 -16.51 0.81
C THR B 32 16.65 -16.43 2.30
N GLY B 33 15.38 -16.67 2.66
CA GLY B 33 14.92 -16.50 4.02
C GLY B 33 14.99 -17.80 4.81
N THR B 34 14.51 -17.71 6.06
CA THR B 34 14.69 -18.82 7.00
C THR B 34 13.87 -20.05 6.62
N GLY B 35 12.85 -19.89 5.79
CA GLY B 35 12.00 -21.01 5.44
C GLY B 35 10.97 -21.40 6.49
N GLN B 36 10.89 -20.70 7.61
CA GLN B 36 9.87 -20.96 8.61
C GLN B 36 8.46 -20.71 8.04
N ALA B 37 7.47 -21.28 8.72
CA ALA B 37 6.14 -21.43 8.12
C ALA B 37 5.39 -20.09 8.07
N ILE B 38 5.34 -19.38 9.19
CA ILE B 38 4.52 -18.19 9.36
C ILE B 38 5.38 -17.15 10.08
N THR B 39 5.64 -16.03 9.42
CA THR B 39 6.64 -15.08 9.91
C THR B 39 6.09 -13.66 9.81
N VAL B 40 6.77 -12.74 10.50
CA VAL B 40 6.33 -11.35 10.49
C VAL B 40 6.68 -10.65 9.19
N THR B 41 7.59 -11.22 8.39
CA THR B 41 7.99 -10.69 7.11
C THR B 41 8.30 -11.87 6.20
N PRO B 42 8.20 -11.70 4.89
CA PRO B 42 8.41 -12.84 3.98
C PRO B 42 9.75 -13.54 4.23
N GLU B 43 9.70 -14.87 4.35
CA GLU B 43 10.87 -15.67 4.68
C GLU B 43 11.03 -16.86 3.76
N ALA B 44 10.47 -16.80 2.57
CA ALA B 44 10.61 -17.90 1.63
C ALA B 44 12.08 -18.24 1.41
N ASN B 45 12.38 -19.54 1.33
CA ASN B 45 13.69 -19.97 0.87
C ASN B 45 13.59 -20.29 -0.62
N MET B 46 14.62 -20.96 -1.16
CA MET B 46 14.66 -21.24 -2.59
C MET B 46 13.50 -22.11 -3.04
N ASP B 47 12.92 -22.90 -2.15
CA ASP B 47 11.89 -23.87 -2.53
C ASP B 47 10.50 -23.43 -2.10
N GLN B 48 10.31 -22.15 -1.76
CA GLN B 48 9.08 -21.64 -1.19
C GLN B 48 8.65 -20.35 -1.89
N GLU B 49 7.34 -20.07 -1.82
CA GLU B 49 6.79 -18.76 -2.12
C GLU B 49 6.22 -18.18 -0.83
N SER B 50 6.26 -16.84 -0.71
CA SER B 50 5.68 -16.16 0.44
C SER B 50 4.41 -15.44 0.02
N PHE B 51 3.37 -15.55 0.84
CA PHE B 51 2.07 -14.94 0.60
C PHE B 51 1.64 -14.13 1.81
N GLY B 52 0.86 -13.08 1.55
CA GLY B 52 0.21 -12.38 2.64
C GLY B 52 -0.73 -13.31 3.37
N GLY B 53 -0.66 -13.32 4.71
CA GLY B 53 -1.32 -14.36 5.48
C GLY B 53 -2.83 -14.36 5.35
N ALA B 54 -3.45 -13.17 5.48
CA ALA B 54 -4.91 -13.09 5.45
C ALA B 54 -5.48 -13.73 4.19
N SER B 55 -4.82 -13.50 3.05
CA SER B 55 -5.37 -14.01 1.80
C SER B 55 -5.23 -15.53 1.67
N CYS B 56 -4.47 -16.19 2.54
CA CYS B 56 -4.35 -17.64 2.55
C CYS B 56 -5.14 -18.31 3.68
N CYS B 57 -5.95 -17.56 4.41
CA CYS B 57 -6.72 -18.10 5.52
C CYS B 57 -8.14 -18.39 5.06
N LEU B 58 -8.54 -19.66 5.13
CA LEU B 58 -9.89 -20.05 4.72
C LEU B 58 -10.95 -19.23 5.45
N TYR B 59 -10.75 -18.99 6.74
CA TYR B 59 -11.77 -18.29 7.51
C TYR B 59 -11.83 -16.82 7.11
N CYS B 60 -10.66 -16.17 6.97
CA CYS B 60 -10.65 -14.80 6.44
C CYS B 60 -11.31 -14.73 5.07
N ARG B 61 -10.91 -15.62 4.14
CA ARG B 61 -11.39 -15.51 2.76
C ARG B 61 -12.88 -15.82 2.63
N CYS B 62 -13.43 -16.66 3.52
CA CYS B 62 -14.82 -17.05 3.42
C CYS B 62 -15.74 -16.21 4.28
N HIS B 63 -15.20 -15.27 5.05
CA HIS B 63 -16.00 -14.41 5.94
C HIS B 63 -16.74 -15.27 6.97
N ILE B 64 -16.00 -16.16 7.62
CA ILE B 64 -16.60 -16.98 8.67
C ILE B 64 -15.69 -16.93 9.90
N ASP B 65 -16.24 -17.37 11.03
CA ASP B 65 -15.55 -17.24 12.30
C ASP B 65 -14.34 -18.15 12.35
N HIS B 66 -13.33 -17.74 13.10
CA HIS B 66 -12.15 -18.57 13.20
C HIS B 66 -12.35 -19.65 14.25
N PRO B 67 -11.78 -20.83 14.05
CA PRO B 67 -12.03 -21.96 14.98
C PRO B 67 -11.50 -21.77 16.38
N ASN B 68 -10.73 -20.72 16.64
N ASN B 68 -10.71 -20.74 16.65
CA ASN B 68 -10.30 -20.39 17.99
CA ASN B 68 -10.31 -20.48 18.01
C ASN B 68 -11.52 -19.94 18.81
C ASN B 68 -11.50 -19.94 18.82
N PRO B 69 -11.54 -20.22 20.11
CA PRO B 69 -12.62 -19.66 20.96
C PRO B 69 -12.58 -18.15 21.01
N LYS B 70 -11.38 -17.54 20.97
CA LYS B 70 -11.24 -16.09 20.89
C LYS B 70 -11.38 -15.55 19.47
N GLY B 71 -11.49 -16.43 18.47
CA GLY B 71 -11.63 -16.00 17.10
C GLY B 71 -10.40 -15.34 16.51
N PHE B 72 -9.22 -15.63 17.04
CA PHE B 72 -7.97 -15.04 16.58
C PHE B 72 -7.45 -15.77 15.34
N CYS B 73 -6.71 -15.05 14.49
CA CYS B 73 -6.20 -15.60 13.24
C CYS B 73 -4.70 -15.86 13.30
N ASP B 74 -4.32 -17.09 12.95
CA ASP B 74 -2.92 -17.47 12.86
C ASP B 74 -2.16 -16.66 11.82
N LEU B 75 -2.82 -16.24 10.74
CA LEU B 75 -2.13 -15.80 9.54
C LEU B 75 -2.29 -14.31 9.26
N LYS B 76 -3.46 -13.74 9.57
CA LYS B 76 -3.70 -12.33 9.32
C LYS B 76 -2.56 -11.46 9.84
N GLY B 77 -2.07 -10.59 8.96
CA GLY B 77 -1.04 -9.65 9.38
C GLY B 77 0.35 -10.24 9.40
N LYS B 78 0.52 -11.48 8.95
CA LYS B 78 1.81 -12.12 8.84
C LYS B 78 2.02 -12.63 7.42
N TYR B 79 3.07 -13.39 7.19
CA TYR B 79 3.34 -13.99 5.89
C TYR B 79 3.47 -15.49 6.05
N VAL B 80 2.93 -16.24 5.10
CA VAL B 80 3.00 -17.69 5.16
C VAL B 80 3.86 -18.15 4.00
N GLN B 81 4.83 -19.02 4.30
CA GLN B 81 5.67 -19.64 3.29
C GLN B 81 5.02 -20.95 2.83
N ILE B 82 4.85 -21.11 1.52
CA ILE B 82 4.23 -22.29 0.93
C ILE B 82 5.27 -22.96 0.04
N PRO B 83 5.48 -24.28 0.14
CA PRO B 83 6.33 -24.96 -0.84
C PRO B 83 5.89 -24.59 -2.24
N THR B 84 6.88 -24.34 -3.11
CA THR B 84 6.57 -23.93 -4.47
C THR B 84 5.69 -24.97 -5.18
N THR B 85 5.98 -26.26 -4.95
CA THR B 85 5.18 -27.33 -5.56
C THR B 85 3.72 -27.30 -5.10
N CYS B 86 3.42 -26.62 -3.99
CA CYS B 86 2.06 -26.57 -3.45
C CYS B 86 1.40 -25.21 -3.61
N ALA B 87 2.07 -24.25 -4.26
CA ALA B 87 1.61 -22.86 -4.26
C ALA B 87 0.40 -22.63 -5.15
N ASN B 88 -0.07 -23.65 -5.87
CA ASN B 88 -1.35 -23.51 -6.56
C ASN B 88 -2.53 -23.48 -5.59
N ASP B 89 -2.33 -23.80 -4.31
CA ASP B 89 -3.44 -23.89 -3.36
C ASP B 89 -2.95 -23.54 -1.97
N PRO B 90 -2.60 -22.27 -1.74
CA PRO B 90 -2.11 -21.89 -0.41
C PRO B 90 -3.13 -22.08 0.69
N VAL B 91 -4.42 -21.83 0.43
CA VAL B 91 -5.44 -22.05 1.46
C VAL B 91 -5.51 -23.52 1.83
N GLY B 92 -5.57 -24.40 0.82
CA GLY B 92 -5.51 -25.83 1.10
C GLY B 92 -4.30 -26.20 1.91
N PHE B 93 -3.13 -25.70 1.50
CA PHE B 93 -1.89 -26.09 2.19
C PHE B 93 -1.94 -25.72 3.66
N THR B 94 -2.26 -24.45 3.96
CA THR B 94 -2.25 -24.03 5.37
C THR B 94 -3.31 -24.78 6.17
N LEU B 95 -4.43 -25.12 5.54
CA LEU B 95 -5.49 -25.83 6.23
C LEU B 95 -5.03 -27.22 6.64
N LYS B 96 -4.41 -27.95 5.69
CA LYS B 96 -4.08 -29.36 5.85
C LYS B 96 -2.85 -29.61 6.69
N ASN B 97 -2.00 -28.61 6.89
CA ASN B 97 -0.68 -28.83 7.44
C ASN B 97 -0.54 -28.11 8.77
N THR B 98 0.52 -28.45 9.49
CA THR B 98 0.68 -27.99 10.85
C THR B 98 2.13 -27.55 11.08
N VAL B 99 2.30 -26.50 11.88
CA VAL B 99 3.59 -25.88 12.11
C VAL B 99 4.20 -26.49 13.37
N CYS B 100 5.48 -26.89 13.29
CA CYS B 100 6.17 -27.40 14.47
C CYS B 100 6.37 -26.27 15.48
N THR B 101 5.89 -26.49 16.70
CA THR B 101 6.00 -25.50 17.77
C THR B 101 7.42 -25.34 18.28
N VAL B 102 8.36 -26.18 17.83
CA VAL B 102 9.74 -26.10 18.33
C VAL B 102 10.60 -25.29 17.37
N CYS B 103 10.68 -25.70 16.10
CA CYS B 103 11.54 -24.99 15.14
C CYS B 103 10.80 -23.98 14.27
N GLY B 104 9.48 -24.02 14.22
CA GLY B 104 8.71 -23.11 13.39
C GLY B 104 8.62 -23.48 11.91
N MET B 105 9.21 -24.60 11.49
CA MET B 105 9.03 -25.06 10.12
C MET B 105 7.74 -25.86 10.00
N TRP B 106 7.27 -26.01 8.76
CA TRP B 106 6.12 -26.87 8.49
C TRP B 106 6.50 -28.31 8.79
N LYS B 107 5.68 -28.99 9.60
CA LYS B 107 5.86 -30.43 9.79
C LYS B 107 5.85 -31.11 8.44
N GLY B 108 6.89 -31.87 8.13
CA GLY B 108 6.96 -32.56 6.86
C GLY B 108 7.32 -31.70 5.67
N TYR B 109 7.72 -30.44 5.88
CA TYR B 109 8.17 -29.57 4.80
C TYR B 109 9.23 -28.61 5.37
N GLY B 110 10.19 -29.17 6.10
CA GLY B 110 11.22 -28.37 6.74
C GLY B 110 11.52 -28.77 8.17
N CYS B 111 10.53 -29.30 8.91
CA CYS B 111 10.77 -29.78 10.27
C CYS B 111 11.66 -31.01 10.27
N SER B 112 12.76 -30.92 11.02
CA SER B 112 13.67 -32.04 11.20
C SER B 112 13.95 -32.30 12.67
N CYS B 113 12.99 -31.97 13.55
CA CYS B 113 13.16 -32.28 14.97
C CYS B 113 13.15 -33.77 15.26
N ASP B 114 12.86 -34.62 14.27
CA ASP B 114 12.83 -36.07 14.44
C ASP B 114 14.15 -36.72 13.99
N GLN B 115 15.27 -36.11 14.35
CA GLN B 115 16.61 -36.70 14.26
C GLN B 115 17.68 -35.64 14.53
#